data_3IWD
#
_entry.id   3IWD
#
_cell.length_a   105.465
_cell.length_b   105.465
_cell.length_c   70.111
_cell.angle_alpha   90.000
_cell.angle_beta   90.000
_cell.angle_gamma   120.000
#
_symmetry.space_group_name_H-M   'H 3'
#
loop_
_entity.id
_entity.type
_entity.pdbx_description
1 polymer 'S-adenosylmethionine decarboxylase'
2 polymer 'S-adenosylmethionine decarboxylase'
3 non-polymer "5'-deoxy-5'-(dimethyl-lambda~4~-sulfanyl)adenosine"
4 water water
#
loop_
_entity_poly.entity_id
_entity_poly.type
_entity_poly.pdbx_seq_one_letter_code
_entity_poly.pdbx_strand_id
1 'polypeptide(L)' MKSLGRHLVAEFYECDREVLDNVQLIEQEMKQAAYESGATIVTSTFHRFLPYGVSGVVVISE B,D
2 'polypeptide(L)' (PYR)HLTIHTWPEYGYAAIDLFTCGEDVDPWKAFEHLKKALKAKRVHVVEHERGRYDEIGIPEDSPHKAAV A,C
#
loop_
_chem_comp.id
_chem_comp.type
_chem_comp.name
_chem_comp.formula
M2T non-polymer 5'-deoxy-5'-(dimethyl-lambda~4~-sulfanyl)adenosine 'C12 H19 N5 O3 S'
PYR non-polymer 'PYRUVIC ACID' 'C3 H4 O3'
#
# COMPACT_ATOMS: atom_id res chain seq x y z
N LYS A 2 17.94 -1.40 12.09
CA LYS A 2 17.37 -0.21 11.39
C LYS A 2 15.85 -0.13 11.53
N SER A 3 15.15 -0.88 10.67
CA SER A 3 13.70 -0.93 10.68
C SER A 3 13.20 -2.27 10.18
N LEU A 4 11.97 -2.61 10.53
CA LEU A 4 11.36 -3.87 10.11
C LEU A 4 11.18 -3.91 8.60
N GLY A 5 10.88 -2.76 8.00
CA GLY A 5 10.69 -2.72 6.57
C GLY A 5 11.14 -1.43 5.92
N ARG A 6 11.27 -1.47 4.60
CA ARG A 6 11.68 -0.32 3.80
C ARG A 6 10.52 -0.09 2.84
N HIS A 7 10.06 1.16 2.75
CA HIS A 7 8.92 1.52 1.92
C HIS A 7 9.17 2.70 0.97
N LEU A 8 9.13 2.40 -0.33
CA LEU A 8 9.30 3.43 -1.35
C LEU A 8 7.93 3.93 -1.79
N VAL A 9 7.67 5.22 -1.58
CA VAL A 9 6.42 5.81 -2.02
C VAL A 9 6.81 6.56 -3.29
N ALA A 10 6.42 6.02 -4.44
CA ALA A 10 6.81 6.60 -5.73
C ALA A 10 5.74 7.19 -6.65
N GLU A 11 6.15 8.25 -7.35
CA GLU A 11 5.31 8.93 -8.32
C GLU A 11 6.00 8.68 -9.67
N PHE A 12 5.31 8.03 -10.59
CA PHE A 12 5.86 7.77 -11.94
C PHE A 12 5.13 8.71 -12.90
N TYR A 13 5.89 9.50 -13.67
CA TYR A 13 5.29 10.45 -14.58
C TYR A 13 5.65 10.16 -16.03
N GLU A 14 4.78 10.61 -16.93
CA GLU A 14 4.99 10.46 -18.37
C GLU A 14 5.24 9.02 -18.81
N CYS A 15 4.47 8.08 -18.25
CA CYS A 15 4.59 6.68 -18.59
C CYS A 15 3.94 6.36 -19.93
N ASP A 16 4.20 5.14 -20.41
CA ASP A 16 3.62 4.65 -21.66
C ASP A 16 2.16 4.37 -21.30
N ARG A 17 1.27 5.24 -21.75
CA ARG A 17 -0.15 5.15 -21.46
C ARG A 17 -0.88 3.86 -21.84
N GLU A 18 -0.37 3.13 -22.82
CA GLU A 18 -0.98 1.87 -23.22
C GLU A 18 -0.69 0.82 -22.15
N VAL A 19 0.55 0.81 -21.66
CA VAL A 19 0.98 -0.11 -20.63
C VAL A 19 0.19 0.12 -19.33
N LEU A 20 -0.03 1.37 -18.96
CA LEU A 20 -0.76 1.72 -17.74
C LEU A 20 -2.21 1.22 -17.73
N ASP A 21 -2.77 1.03 -18.92
CA ASP A 21 -4.15 0.58 -19.07
C ASP A 21 -4.28 -0.90 -19.43
N ASN A 22 -3.17 -1.63 -19.37
CA ASN A 22 -3.12 -3.06 -19.69
C ASN A 22 -3.00 -3.84 -18.39
N VAL A 23 -4.14 -4.29 -17.86
CA VAL A 23 -4.18 -5.02 -16.60
C VAL A 23 -3.37 -6.34 -16.59
N GLN A 24 -3.36 -7.05 -17.71
CA GLN A 24 -2.61 -8.30 -17.82
C GLN A 24 -1.09 -8.02 -17.75
N LEU A 25 -0.64 -7.03 -18.50
CA LEU A 25 0.77 -6.66 -18.51
C LEU A 25 1.22 -6.13 -17.15
N ILE A 26 0.42 -5.27 -16.54
CA ILE A 26 0.75 -4.71 -15.23
C ILE A 26 0.92 -5.83 -14.21
N GLU A 27 -0.01 -6.79 -14.19
CA GLU A 27 0.09 -7.90 -13.24
C GLU A 27 1.38 -8.67 -13.46
N GLN A 28 1.70 -8.93 -14.73
CA GLN A 28 2.92 -9.65 -15.09
C GLN A 28 4.18 -8.92 -14.60
N GLU A 29 4.24 -7.62 -14.83
CA GLU A 29 5.38 -6.80 -14.43
C GLU A 29 5.50 -6.61 -12.91
N MET A 30 4.37 -6.54 -12.22
CA MET A 30 4.38 -6.38 -10.77
C MET A 30 4.89 -7.67 -10.11
N LYS A 31 4.52 -8.81 -10.67
CA LYS A 31 4.95 -10.10 -10.15
C LYS A 31 6.44 -10.28 -10.39
N GLN A 32 6.92 -9.80 -11.54
CA GLN A 32 8.34 -9.88 -11.89
C GLN A 32 9.16 -8.99 -10.95
N ALA A 33 8.64 -7.80 -10.66
CA ALA A 33 9.32 -6.86 -9.78
C ALA A 33 9.44 -7.50 -8.40
N ALA A 34 8.38 -8.18 -7.96
CA ALA A 34 8.37 -8.85 -6.67
C ALA A 34 9.47 -9.91 -6.67
N TYR A 35 9.60 -10.61 -7.80
CA TYR A 35 10.61 -11.64 -7.97
C TYR A 35 12.02 -11.05 -7.95
N GLU A 36 12.21 -9.94 -8.66
CA GLU A 36 13.52 -9.28 -8.73
C GLU A 36 14.01 -8.70 -7.40
N SER A 37 13.07 -8.31 -6.54
CA SER A 37 13.41 -7.74 -5.23
C SER A 37 13.85 -8.82 -4.24
N GLY A 38 13.51 -10.07 -4.54
CA GLY A 38 13.86 -11.18 -3.67
C GLY A 38 12.71 -11.60 -2.75
N ALA A 39 11.56 -10.96 -2.92
CA ALA A 39 10.39 -11.23 -2.10
C ALA A 39 9.54 -12.42 -2.55
N THR A 40 8.85 -13.03 -1.59
CA THR A 40 7.98 -14.16 -1.88
C THR A 40 6.58 -13.60 -2.14
N ILE A 41 5.89 -14.17 -3.12
CA ILE A 41 4.55 -13.74 -3.48
C ILE A 41 3.53 -14.53 -2.66
N VAL A 42 2.73 -13.82 -1.88
CA VAL A 42 1.70 -14.43 -1.07
C VAL A 42 0.38 -14.46 -1.83
N THR A 43 -0.06 -13.31 -2.29
CA THR A 43 -1.30 -13.20 -3.05
C THR A 43 -1.18 -12.05 -4.05
N SER A 44 -2.03 -12.10 -5.07
CA SER A 44 -2.04 -11.09 -6.12
C SER A 44 -3.48 -10.82 -6.54
N THR A 45 -3.80 -9.55 -6.78
CA THR A 45 -5.15 -9.15 -7.21
C THR A 45 -5.10 -7.83 -7.97
N PHE A 46 -5.57 -7.86 -9.22
CA PHE A 46 -5.58 -6.68 -10.07
C PHE A 46 -6.94 -6.38 -10.68
N HIS A 47 -7.34 -5.11 -10.58
CA HIS A 47 -8.63 -4.66 -11.08
C HIS A 47 -8.50 -3.72 -12.29
N ARG A 48 -9.35 -3.95 -13.29
CA ARG A 48 -9.38 -3.14 -14.51
C ARG A 48 -10.57 -2.19 -14.40
N PHE A 49 -10.28 -0.90 -14.26
CA PHE A 49 -11.31 0.12 -14.14
C PHE A 49 -11.76 0.61 -15.51
N LEU A 50 -12.98 1.13 -15.56
CA LEU A 50 -13.55 1.66 -16.79
C LEU A 50 -13.86 3.14 -16.58
N PRO A 51 -13.68 3.97 -17.63
CA PRO A 51 -13.22 3.61 -18.97
C PRO A 51 -11.72 3.30 -19.10
N TYR A 52 -10.95 3.66 -18.09
CA TYR A 52 -9.51 3.42 -18.08
C TYR A 52 -8.95 3.42 -16.65
N GLY A 53 -7.87 2.68 -16.44
CA GLY A 53 -7.26 2.61 -15.13
C GLY A 53 -7.03 1.21 -14.61
N VAL A 54 -5.94 1.02 -13.87
CA VAL A 54 -5.59 -0.29 -13.32
C VAL A 54 -5.09 -0.16 -11.88
N SER A 55 -5.71 -0.93 -10.98
CA SER A 55 -5.29 -0.97 -9.58
C SER A 55 -4.75 -2.36 -9.33
N GLY A 56 -3.68 -2.47 -8.56
CA GLY A 56 -3.10 -3.78 -8.31
C GLY A 56 -2.31 -3.92 -7.03
N VAL A 57 -2.35 -5.12 -6.47
CA VAL A 57 -1.64 -5.38 -5.22
C VAL A 57 -1.01 -6.76 -5.19
N VAL A 58 0.24 -6.81 -4.76
CA VAL A 58 0.95 -8.07 -4.63
C VAL A 58 1.41 -8.09 -3.18
N VAL A 59 0.74 -8.90 -2.36
CA VAL A 59 1.11 -9.04 -0.95
C VAL A 59 2.35 -9.93 -0.94
N ILE A 60 3.41 -9.44 -0.32
CA ILE A 60 4.66 -10.19 -0.27
C ILE A 60 5.13 -10.49 1.14
N SER A 61 6.32 -11.08 1.23
CA SER A 61 6.93 -11.42 2.50
C SER A 61 8.27 -12.10 2.24
N GLU A 62 9.01 -12.37 3.32
CA GLU A 62 10.29 -13.06 3.29
C GLU A 62 11.11 -12.92 2.00
C PYR B 1 3.60 -6.32 1.71
O PYR B 1 2.82 -7.15 1.25
CA PYR B 1 4.20 -6.52 2.98
O3 PYR B 1 3.92 -7.56 3.59
CB PYR B 1 5.17 -5.62 3.70
N HIS B 2 4.03 -5.34 0.90
CA HIS B 2 3.21 -5.24 -0.30
C HIS B 2 3.82 -4.37 -1.39
N LEU B 3 3.39 -4.63 -2.62
CA LEU B 3 3.79 -3.84 -3.79
C LEU B 3 2.47 -3.45 -4.43
N THR B 4 2.22 -2.15 -4.57
CA THR B 4 0.97 -1.71 -5.17
C THR B 4 1.17 -0.74 -6.31
N ILE B 5 0.17 -0.68 -7.19
CA ILE B 5 0.19 0.21 -8.32
C ILE B 5 -1.22 0.68 -8.63
N HIS B 6 -1.35 1.97 -8.91
CA HIS B 6 -2.62 2.58 -9.28
C HIS B 6 -2.26 3.51 -10.44
N THR B 7 -2.84 3.23 -11.60
CA THR B 7 -2.55 4.02 -12.78
C THR B 7 -3.68 4.95 -13.20
N TRP B 8 -3.28 6.00 -13.91
CA TRP B 8 -4.18 7.00 -14.45
C TRP B 8 -3.69 7.19 -15.87
N PRO B 9 -4.05 6.26 -16.79
CA PRO B 9 -3.66 6.31 -18.19
C PRO B 9 -3.90 7.67 -18.84
N GLU B 10 -4.95 8.37 -18.40
CA GLU B 10 -5.31 9.69 -18.94
C GLU B 10 -4.20 10.71 -18.73
N TYR B 11 -3.53 10.60 -17.58
CA TYR B 11 -2.46 11.54 -17.24
C TYR B 11 -1.05 10.95 -17.36
N GLY B 12 -0.96 9.70 -17.79
CA GLY B 12 0.34 9.04 -17.91
C GLY B 12 1.04 8.92 -16.56
N TYR B 13 0.23 8.86 -15.50
CA TYR B 13 0.72 8.79 -14.13
C TYR B 13 0.41 7.47 -13.41
N ALA B 14 1.35 7.01 -12.59
CA ALA B 14 1.15 5.79 -11.81
C ALA B 14 1.64 6.00 -10.39
N ALA B 15 0.81 5.64 -9.41
CA ALA B 15 1.16 5.77 -8.00
C ALA B 15 1.65 4.39 -7.59
N ILE B 16 2.94 4.30 -7.31
CA ILE B 16 3.58 3.05 -6.95
C ILE B 16 4.11 2.98 -5.53
N ASP B 17 3.81 1.90 -4.85
CA ASP B 17 4.31 1.69 -3.48
C ASP B 17 5.08 0.37 -3.43
N LEU B 18 6.30 0.43 -2.92
CA LEU B 18 7.13 -0.78 -2.81
C LEU B 18 7.55 -0.89 -1.34
N PHE B 19 6.79 -1.70 -0.60
CA PHE B 19 6.98 -1.93 0.83
C PHE B 19 7.48 -3.36 1.04
N THR B 20 8.76 -3.50 1.38
CA THR B 20 9.39 -4.79 1.62
C THR B 20 9.90 -4.94 3.05
N CYS B 21 10.02 -6.18 3.52
CA CYS B 21 10.49 -6.47 4.88
C CYS B 21 11.70 -7.39 4.90
N GLY B 22 12.63 -7.10 5.80
CA GLY B 22 13.84 -7.90 5.91
C GLY B 22 14.99 -7.33 5.11
N GLU B 23 16.20 -7.80 5.38
CA GLU B 23 17.39 -7.33 4.68
C GLU B 23 17.64 -7.93 3.30
N ASP B 24 17.23 -9.18 3.10
CA ASP B 24 17.43 -9.86 1.82
C ASP B 24 16.47 -9.46 0.70
N VAL B 25 15.53 -8.57 0.99
CA VAL B 25 14.57 -8.08 0.00
C VAL B 25 14.85 -6.61 -0.29
N ASP B 26 15.10 -6.30 -1.55
CA ASP B 26 15.43 -4.93 -1.96
C ASP B 26 14.32 -4.32 -2.82
N PRO B 27 13.63 -3.29 -2.30
CA PRO B 27 12.55 -2.65 -3.07
C PRO B 27 13.06 -1.89 -4.29
N TRP B 28 14.31 -1.45 -4.24
CA TRP B 28 14.88 -0.72 -5.36
C TRP B 28 15.02 -1.57 -6.62
N LYS B 29 15.07 -2.88 -6.48
CA LYS B 29 15.14 -3.77 -7.64
C LYS B 29 13.77 -3.73 -8.32
N ALA B 30 12.71 -3.73 -7.50
CA ALA B 30 11.34 -3.67 -8.00
C ALA B 30 11.11 -2.34 -8.70
N PHE B 31 11.65 -1.27 -8.12
CA PHE B 31 11.55 0.08 -8.69
C PHE B 31 12.21 0.10 -10.05
N GLU B 32 13.43 -0.44 -10.13
CA GLU B 32 14.17 -0.48 -11.38
C GLU B 32 13.42 -1.22 -12.46
N HIS B 33 12.80 -2.34 -12.11
CA HIS B 33 12.04 -3.11 -13.08
C HIS B 33 10.79 -2.38 -13.57
N LEU B 34 10.05 -1.77 -12.65
CA LEU B 34 8.82 -1.06 -13.01
C LEU B 34 9.07 0.22 -13.78
N LYS B 35 10.11 0.97 -13.41
CA LYS B 35 10.45 2.21 -14.13
C LYS B 35 10.67 1.85 -15.61
N LYS B 36 11.43 0.79 -15.84
CA LYS B 36 11.72 0.32 -17.20
C LYS B 36 10.48 -0.19 -17.92
N ALA B 37 9.69 -1.03 -17.23
CA ALA B 37 8.48 -1.60 -17.80
C ALA B 37 7.40 -0.59 -18.17
N LEU B 38 7.26 0.45 -17.34
CA LEU B 38 6.27 1.49 -17.56
C LEU B 38 6.77 2.64 -18.44
N LYS B 39 8.08 2.70 -18.64
CA LYS B 39 8.69 3.73 -19.47
C LYS B 39 8.55 5.15 -18.87
N ALA B 40 8.49 5.22 -17.54
CA ALA B 40 8.37 6.51 -16.87
C ALA B 40 9.59 7.39 -17.20
N LYS B 41 9.33 8.66 -17.50
CA LYS B 41 10.40 9.59 -17.85
C LYS B 41 10.81 10.50 -16.70
N ARG B 42 10.00 10.51 -15.65
CA ARG B 42 10.29 11.34 -14.50
C ARG B 42 9.68 10.69 -13.28
N VAL B 43 10.42 10.64 -12.18
CA VAL B 43 9.93 10.01 -10.97
C VAL B 43 10.33 10.77 -9.72
N HIS B 44 9.55 10.56 -8.66
CA HIS B 44 9.83 11.20 -7.37
C HIS B 44 9.64 10.07 -6.39
N VAL B 45 10.65 9.81 -5.56
CA VAL B 45 10.53 8.72 -4.59
C VAL B 45 10.90 9.13 -3.17
N VAL B 46 10.06 8.72 -2.23
CA VAL B 46 10.26 8.99 -0.81
C VAL B 46 10.46 7.63 -0.14
N GLU B 47 11.57 7.45 0.57
CA GLU B 47 11.81 6.19 1.25
C GLU B 47 11.51 6.28 2.74
N HIS B 48 10.63 5.41 3.21
CA HIS B 48 10.25 5.37 4.60
C HIS B 48 10.82 4.14 5.29
N GLU B 49 11.12 4.28 6.57
CA GLU B 49 11.62 3.16 7.38
C GLU B 49 10.43 2.77 8.25
N ARG B 50 9.79 1.65 7.91
CA ARG B 50 8.64 1.18 8.67
C ARG B 50 9.07 0.33 9.86
N GLY B 51 8.57 0.68 11.04
CA GLY B 51 8.91 -0.05 12.24
C GLY B 51 10.37 0.12 12.65
N ARG B 52 10.79 1.37 12.84
CA ARG B 52 12.15 1.67 13.24
C ARG B 52 12.41 1.01 14.58
N TYR B 53 13.46 0.19 14.65
CA TYR B 53 13.82 -0.56 15.85
C TYR B 53 13.77 0.19 17.18
N ASP B 54 14.25 1.43 17.19
CA ASP B 54 14.26 2.24 18.41
C ASP B 54 12.92 2.89 18.74
N GLU B 55 11.94 2.72 17.87
CA GLU B 55 10.60 3.25 18.10
C GLU B 55 9.74 2.18 18.74
N ILE B 56 9.92 0.94 18.29
CA ILE B 56 9.18 -0.21 18.81
C ILE B 56 9.88 -0.84 20.00
N LYS C 2 -6.12 19.41 -5.05
CA LYS C 2 -4.70 19.66 -5.46
C LYS C 2 -4.00 18.39 -5.91
N SER C 3 -4.52 17.24 -5.50
CA SER C 3 -3.92 15.95 -5.84
C SER C 3 -5.02 14.93 -6.15
N LEU C 4 -4.65 13.90 -6.90
CA LEU C 4 -5.57 12.82 -7.27
C LEU C 4 -5.97 12.00 -6.04
N GLY C 5 -5.08 11.95 -5.07
CA GLY C 5 -5.37 11.19 -3.87
C GLY C 5 -4.58 11.65 -2.68
N ARG C 6 -5.05 11.26 -1.50
CA ARG C 6 -4.39 11.59 -0.25
C ARG C 6 -3.91 10.27 0.31
N HIS C 7 -2.68 10.26 0.83
CA HIS C 7 -2.11 9.02 1.36
C HIS C 7 -1.49 9.19 2.74
N LEU C 8 -2.05 8.46 3.71
CA LEU C 8 -1.55 8.48 5.08
C LEU C 8 -0.64 7.27 5.32
N VAL C 9 0.58 7.52 5.78
CA VAL C 9 1.51 6.43 6.08
C VAL C 9 1.62 6.48 7.59
N ALA C 10 1.01 5.52 8.27
CA ALA C 10 1.00 5.53 9.73
C ALA C 10 1.73 4.38 10.43
N GLU C 11 2.37 4.74 11.54
CA GLU C 11 3.09 3.82 12.40
C GLU C 11 2.27 3.73 13.68
N PHE C 12 1.78 2.54 14.01
CA PHE C 12 0.99 2.32 15.22
C PHE C 12 1.86 1.53 16.20
N TYR C 13 2.02 2.05 17.42
CA TYR C 13 2.85 1.38 18.40
C TYR C 13 2.04 1.00 19.64
N GLU C 14 2.55 0.03 20.39
CA GLU C 14 1.91 -0.43 21.61
C GLU C 14 0.42 -0.73 21.42
N CYS C 15 0.10 -1.48 20.37
CA CYS C 15 -1.27 -1.85 20.07
C CYS C 15 -1.65 -3.05 20.94
N ASP C 16 -2.91 -3.47 20.82
CA ASP C 16 -3.40 -4.64 21.56
C ASP C 16 -2.83 -5.82 20.77
N ARG C 17 -1.81 -6.47 21.34
CA ARG C 17 -1.16 -7.59 20.67
C ARG C 17 -2.08 -8.72 20.28
N GLU C 18 -3.15 -8.94 21.05
CA GLU C 18 -4.10 -10.00 20.74
C GLU C 18 -4.88 -9.64 19.48
N VAL C 19 -5.26 -8.37 19.36
CA VAL C 19 -6.00 -7.90 18.18
C VAL C 19 -5.13 -7.94 16.92
N LEU C 20 -3.85 -7.61 17.08
CA LEU C 20 -2.91 -7.62 15.96
C LEU C 20 -2.72 -8.98 15.31
N ASP C 21 -2.81 -10.03 16.13
CA ASP C 21 -2.63 -11.39 15.65
C ASP C 21 -3.95 -12.09 15.30
N ASN C 22 -5.03 -11.33 15.25
CA ASN C 22 -6.35 -11.88 14.92
C ASN C 22 -6.68 -11.47 13.49
N VAL C 23 -6.52 -12.40 12.55
CA VAL C 23 -6.79 -12.15 11.15
C VAL C 23 -8.25 -11.83 10.86
N GLN C 24 -9.15 -12.39 11.67
CA GLN C 24 -10.58 -12.18 11.51
C GLN C 24 -10.98 -10.79 11.97
N LEU C 25 -10.51 -10.39 13.15
CA LEU C 25 -10.82 -9.07 13.70
C LEU C 25 -10.23 -7.96 12.82
N ILE C 26 -9.00 -8.15 12.37
CA ILE C 26 -8.35 -7.14 11.53
C ILE C 26 -9.11 -6.95 10.22
N GLU C 27 -9.62 -8.04 9.67
CA GLU C 27 -10.38 -7.97 8.43
C GLU C 27 -11.68 -7.18 8.65
N GLN C 28 -12.33 -7.41 9.78
CA GLN C 28 -13.57 -6.72 10.11
C GLN C 28 -13.32 -5.22 10.28
N GLU C 29 -12.35 -4.87 11.12
CA GLU C 29 -12.02 -3.47 11.36
C GLU C 29 -11.54 -2.75 10.11
N MET C 30 -10.73 -3.42 9.30
CA MET C 30 -10.22 -2.81 8.06
C MET C 30 -11.36 -2.46 7.12
N LYS C 31 -12.32 -3.38 6.96
CA LYS C 31 -13.47 -3.13 6.10
C LYS C 31 -14.35 -2.03 6.69
N GLN C 32 -14.52 -2.04 8.01
CA GLN C 32 -15.33 -1.02 8.67
C GLN C 32 -14.66 0.34 8.53
N ALA C 33 -13.33 0.33 8.54
CA ALA C 33 -12.54 1.55 8.39
C ALA C 33 -12.78 2.11 6.99
N ALA C 34 -12.86 1.22 6.00
CA ALA C 34 -13.09 1.64 4.62
C ALA C 34 -14.49 2.22 4.45
N TYR C 35 -15.44 1.74 5.24
CA TYR C 35 -16.81 2.24 5.18
C TYR C 35 -16.87 3.63 5.78
N GLU C 36 -16.13 3.84 6.87
CA GLU C 36 -16.07 5.12 7.55
C GLU C 36 -15.54 6.22 6.64
N SER C 37 -14.51 5.88 5.85
CA SER C 37 -13.90 6.84 4.94
C SER C 37 -14.81 7.25 3.78
N GLY C 38 -15.88 6.48 3.57
CA GLY C 38 -16.81 6.79 2.50
C GLY C 38 -16.36 6.24 1.16
N ALA C 39 -15.41 5.31 1.19
CA ALA C 39 -14.90 4.70 -0.04
C ALA C 39 -15.72 3.49 -0.45
N THR C 40 -15.55 3.10 -1.70
CA THR C 40 -16.24 1.95 -2.26
C THR C 40 -15.25 0.79 -2.32
N ILE C 41 -15.52 -0.27 -1.55
CA ILE C 41 -14.64 -1.42 -1.53
C ILE C 41 -14.79 -2.23 -2.81
N VAL C 42 -13.67 -2.51 -3.46
CA VAL C 42 -13.67 -3.28 -4.69
C VAL C 42 -13.42 -4.75 -4.34
N THR C 43 -12.36 -4.99 -3.59
CA THR C 43 -11.99 -6.33 -3.15
C THR C 43 -11.06 -6.26 -1.95
N SER C 44 -10.85 -7.39 -1.28
CA SER C 44 -9.97 -7.43 -0.11
C SER C 44 -9.36 -8.81 0.10
N THR C 45 -8.12 -8.82 0.58
CA THR C 45 -7.42 -10.07 0.82
C THR C 45 -6.63 -9.99 2.11
N PHE C 46 -6.87 -10.95 3.00
CA PHE C 46 -6.18 -11.00 4.29
C PHE C 46 -5.46 -12.31 4.50
N HIS C 47 -4.21 -12.19 4.94
CA HIS C 47 -3.39 -13.37 5.17
C HIS C 47 -2.91 -13.43 6.62
N ARG C 48 -2.93 -14.64 7.18
CA ARG C 48 -2.46 -14.83 8.53
C ARG C 48 -1.09 -15.47 8.47
N PHE C 49 -0.09 -14.78 9.01
CA PHE C 49 1.28 -15.31 9.01
C PHE C 49 1.50 -16.23 10.20
N LEU C 50 2.58 -17.01 10.12
CA LEU C 50 2.92 -17.95 11.16
C LEU C 50 4.34 -17.68 11.64
N PRO C 51 4.58 -17.77 12.97
CA PRO C 51 3.64 -18.11 14.04
C PRO C 51 2.68 -16.98 14.42
N TYR C 52 3.02 -15.76 14.02
CA TYR C 52 2.19 -14.60 14.30
C TYR C 52 2.37 -13.54 13.22
N GLY C 53 1.38 -12.66 13.10
CA GLY C 53 1.45 -11.60 12.10
C GLY C 53 0.27 -11.65 11.14
N VAL C 54 -0.25 -10.48 10.77
CA VAL C 54 -1.38 -10.40 9.86
C VAL C 54 -1.14 -9.34 8.79
N SER C 55 -1.54 -9.66 7.57
CA SER C 55 -1.41 -8.72 6.45
C SER C 55 -2.78 -8.60 5.79
N GLY C 56 -3.19 -7.37 5.51
CA GLY C 56 -4.48 -7.16 4.89
C GLY C 56 -4.50 -5.99 3.95
N VAL C 57 -5.17 -6.16 2.82
CA VAL C 57 -5.28 -5.11 1.83
C VAL C 57 -6.73 -4.97 1.40
N VAL C 58 -7.19 -3.73 1.30
CA VAL C 58 -8.54 -3.42 0.88
C VAL C 58 -8.45 -2.51 -0.33
N VAL C 59 -8.76 -3.03 -1.52
CA VAL C 59 -8.71 -2.21 -2.71
C VAL C 59 -10.01 -1.43 -2.79
N ILE C 60 -9.89 -0.09 -2.88
CA ILE C 60 -11.06 0.78 -2.93
C ILE C 60 -11.07 1.65 -4.18
N SER C 61 -12.17 2.37 -4.38
CA SER C 61 -12.31 3.25 -5.53
C SER C 61 -13.03 4.54 -5.16
N GLU C 62 -12.90 5.56 -6.01
CA GLU C 62 -13.53 6.85 -5.78
C GLU C 62 -14.97 6.66 -5.29
C PYR D 1 -6.63 2.17 -3.14
O PYR D 1 -7.02 1.06 -3.53
CA PYR D 1 -6.91 3.34 -3.89
O3 PYR D 1 -7.57 3.20 -4.93
CB PYR D 1 -6.52 4.77 -3.62
N HIS D 2 -6.17 2.25 -1.89
CA HIS D 2 -6.12 1.09 -1.01
C HIS D 2 -5.88 1.41 0.46
N LEU D 3 -6.31 0.49 1.32
CA LEU D 3 -6.07 0.59 2.76
C LEU D 3 -5.34 -0.71 3.05
N THR D 4 -4.15 -0.61 3.63
CA THR D 4 -3.34 -1.80 3.94
C THR D 4 -2.92 -1.82 5.40
N ILE D 5 -2.60 -3.03 5.89
CA ILE D 5 -2.18 -3.19 7.27
C ILE D 5 -1.26 -4.40 7.39
N HIS D 6 -0.17 -4.21 8.13
CA HIS D 6 0.80 -5.29 8.36
C HIS D 6 1.17 -5.23 9.83
N THR D 7 0.83 -6.27 10.57
CA THR D 7 1.10 -6.30 11.99
C THR D 7 2.25 -7.18 12.44
N TRP D 8 2.91 -6.74 13.50
CA TRP D 8 4.01 -7.47 14.13
C TRP D 8 3.57 -7.59 15.59
N PRO D 9 2.64 -8.54 15.88
CA PRO D 9 2.13 -8.76 17.23
C PRO D 9 3.23 -8.89 18.28
N GLU D 10 4.36 -9.46 17.89
CA GLU D 10 5.49 -9.66 18.80
C GLU D 10 6.12 -8.34 19.26
N TYR D 11 5.79 -7.25 18.58
CA TYR D 11 6.32 -5.93 18.90
C TYR D 11 5.22 -4.92 19.22
N GLY D 12 3.96 -5.36 19.07
CA GLY D 12 2.83 -4.48 19.32
C GLY D 12 2.79 -3.36 18.29
N TYR D 13 3.38 -3.63 17.12
CA TYR D 13 3.47 -2.65 16.04
C TYR D 13 2.64 -2.98 14.80
N ALA D 14 2.19 -1.93 14.12
CA ALA D 14 1.43 -2.11 12.90
C ALA D 14 1.73 -0.99 11.90
N ALA D 15 2.06 -1.39 10.68
CA ALA D 15 2.34 -0.45 9.60
C ALA D 15 1.04 -0.30 8.83
N ILE D 16 0.47 0.89 8.85
CA ILE D 16 -0.80 1.14 8.17
C ILE D 16 -0.69 2.18 7.05
N ASP D 17 -1.39 1.92 5.94
CA ASP D 17 -1.41 2.83 4.81
C ASP D 17 -2.85 3.08 4.40
N LEU D 18 -3.22 4.35 4.29
CA LEU D 18 -4.58 4.73 3.93
C LEU D 18 -4.52 5.68 2.75
N PHE D 19 -4.61 5.12 1.55
CA PHE D 19 -4.52 5.87 0.31
C PHE D 19 -5.90 5.91 -0.34
N THR D 20 -6.50 7.09 -0.31
CA THR D 20 -7.83 7.29 -0.86
C THR D 20 -7.82 8.33 -1.99
N CYS D 21 -8.80 8.21 -2.90
CA CYS D 21 -8.94 9.13 -4.02
C CYS D 21 -10.30 9.83 -4.03
N GLY D 22 -10.30 11.15 -4.22
CA GLY D 22 -11.54 11.89 -4.26
C GLY D 22 -11.92 12.67 -3.02
N GLU D 23 -12.81 13.66 -3.19
CA GLU D 23 -13.29 14.51 -2.11
C GLU D 23 -14.31 13.80 -1.22
N ASP D 24 -14.97 12.79 -1.77
CA ASP D 24 -15.98 12.03 -1.05
C ASP D 24 -15.37 11.05 -0.04
N VAL D 25 -14.06 10.84 -0.13
CA VAL D 25 -13.39 9.91 0.76
C VAL D 25 -12.37 10.58 1.69
N ASP D 26 -12.53 10.34 3.00
CA ASP D 26 -11.64 10.91 3.99
C ASP D 26 -10.81 9.81 4.65
N PRO D 27 -9.48 9.79 4.39
CA PRO D 27 -8.58 8.79 4.94
C PRO D 27 -8.45 8.89 6.46
N TRP D 28 -8.68 10.09 7.01
CA TRP D 28 -8.60 10.28 8.45
C TRP D 28 -9.73 9.62 9.23
N LYS D 29 -10.86 9.40 8.57
CA LYS D 29 -11.97 8.72 9.21
C LYS D 29 -11.59 7.25 9.40
N ALA D 30 -10.82 6.71 8.46
CA ALA D 30 -10.36 5.32 8.52
C ALA D 30 -9.34 5.20 9.63
N PHE D 31 -8.39 6.14 9.66
CA PHE D 31 -7.35 6.18 10.67
C PHE D 31 -7.95 6.15 12.07
N GLU D 32 -8.98 6.96 12.28
CA GLU D 32 -9.64 7.06 13.57
C GLU D 32 -10.27 5.74 14.01
N HIS D 33 -10.90 5.04 13.07
CA HIS D 33 -11.54 3.76 13.37
C HIS D 33 -10.53 2.68 13.75
N LEU D 34 -9.38 2.69 13.07
CA LEU D 34 -8.32 1.71 13.33
C LEU D 34 -7.57 1.99 14.61
N LYS D 35 -7.33 3.27 14.90
CA LYS D 35 -6.64 3.68 16.11
C LYS D 35 -7.39 3.13 17.33
N LYS D 36 -8.71 3.11 17.24
CA LYS D 36 -9.56 2.61 18.32
C LYS D 36 -9.54 1.09 18.41
N ALA D 37 -9.76 0.43 17.27
CA ALA D 37 -9.77 -1.03 17.19
C ALA D 37 -8.47 -1.67 17.68
N LEU D 38 -7.35 -1.18 17.18
CA LEU D 38 -6.04 -1.71 17.56
C LEU D 38 -5.55 -1.23 18.91
N LYS D 39 -6.26 -0.28 19.51
CA LYS D 39 -5.90 0.26 20.82
C LYS D 39 -4.47 0.78 20.86
N ALA D 40 -4.06 1.47 19.79
CA ALA D 40 -2.73 2.03 19.72
C ALA D 40 -2.63 3.17 20.73
N LYS D 41 -1.50 3.28 21.41
CA LYS D 41 -1.32 4.36 22.37
C LYS D 41 -0.25 5.34 21.91
N ARG D 42 0.33 5.09 20.73
CA ARG D 42 1.33 5.99 20.18
C ARG D 42 1.28 5.85 18.67
N VAL D 43 1.14 6.99 17.99
CA VAL D 43 1.06 6.97 16.53
C VAL D 43 1.84 8.10 15.88
N HIS D 44 2.28 7.82 14.66
CA HIS D 44 3.01 8.79 13.85
C HIS D 44 2.36 8.64 12.48
N VAL D 45 1.88 9.75 11.93
CA VAL D 45 1.26 9.72 10.62
C VAL D 45 1.81 10.84 9.73
N VAL D 46 2.11 10.50 8.49
CA VAL D 46 2.59 11.49 7.52
C VAL D 46 1.58 11.45 6.36
N GLU D 47 1.14 12.61 5.92
CA GLU D 47 0.19 12.68 4.83
C GLU D 47 0.92 13.07 3.55
N HIS D 48 0.78 12.23 2.53
CA HIS D 48 1.39 12.45 1.23
C HIS D 48 0.31 12.82 0.21
N GLU D 49 0.67 13.68 -0.73
CA GLU D 49 -0.25 14.04 -1.81
C GLU D 49 0.21 13.16 -2.95
N ARG D 50 -0.69 12.35 -3.50
CA ARG D 50 -0.32 11.48 -4.61
C ARG D 50 -0.95 12.05 -5.87
N GLY D 51 -0.13 12.22 -6.90
CA GLY D 51 -0.62 12.78 -8.16
C GLY D 51 -0.98 14.25 -8.10
N ARG D 52 -0.04 15.08 -7.69
CA ARG D 52 -0.27 16.53 -7.61
C ARG D 52 -0.60 17.10 -8.99
N TYR D 53 -1.68 17.86 -9.07
CA TYR D 53 -2.12 18.45 -10.33
C TYR D 53 -1.04 19.25 -11.05
N ASP D 54 -0.23 20.00 -10.29
CA ASP D 54 0.84 20.80 -10.87
C ASP D 54 2.06 19.97 -11.31
N GLU D 55 1.92 18.66 -11.28
CA GLU D 55 2.99 17.74 -11.66
C GLU D 55 2.55 16.84 -12.81
N ILE D 56 1.29 16.41 -12.78
CA ILE D 56 0.74 15.52 -13.80
C ILE D 56 0.11 16.30 -14.95
CG M2T E . -7.33 4.65 -8.43
SD M2T E . -7.80 4.20 -9.97
CE M2T E . -6.99 3.02 -10.39
C5' M2T E . -7.56 5.49 -11.03
C4' M2T E . -7.97 5.17 -12.45
O4' M2T E . -9.29 4.53 -12.41
C1' M2T E . -10.21 5.30 -13.17
N9 M2T E . -11.51 5.21 -12.53
C4 M2T E . -11.77 5.36 -11.19
N3 M2T E . -10.86 5.61 -10.21
C2 M2T E . -11.46 5.69 -9.02
N1 M2T E . -12.76 5.55 -8.73
C6 M2T E . -13.64 5.30 -9.73
N6 M2T E . -14.94 5.17 -9.43
C5 M2T E . -13.12 5.20 -11.04
N7 M2T E . -13.73 4.96 -12.27
C8 M2T E . -12.73 4.97 -13.11
C2' M2T E . -9.61 6.71 -13.17
O2' M2T E . -10.17 7.52 -14.18
C3' M2T E . -8.14 6.41 -13.33
O3' M2T E . -7.87 6.09 -14.68
CG M2T F . 4.35 -8.10 7.23
SD M2T F . 3.91 -9.32 8.27
CE M2T F . 2.45 -9.20 8.58
C5' M2T F . 4.80 -9.20 9.70
C4' M2T F . 4.45 -10.29 10.69
O4' M2T F . 4.51 -11.57 10.02
C1' M2T F . 5.42 -12.43 10.68
N9 M2T F . 6.06 -13.26 9.69
C4 M2T F . 6.85 -12.82 8.65
N3 M2T F . 7.18 -11.54 8.37
C2 M2T F . 7.97 -11.47 7.28
N1 M2T F . 8.41 -12.48 6.52
C6 M2T F . 8.05 -13.75 6.84
N6 M2T F . 8.50 -14.75 6.08
C5 M2T F . 7.23 -13.95 7.96
N7 M2T F . 6.68 -15.09 8.54
C8 M2T F . 6.01 -14.63 9.56
C2' M2T F . 6.37 -11.49 11.42
O2' M2T F . 7.10 -12.14 12.44
C3' M2T F . 5.42 -10.40 11.88
O3' M2T F . 4.70 -10.86 13.03
#